data_5CLC
#
_entry.id   5CLC
#
_cell.length_a   127.399
_cell.length_b   55.445
_cell.length_c   47.558
_cell.angle_alpha   90.000
_cell.angle_beta   106.360
_cell.angle_gamma   90.000
#
_symmetry.space_group_name_H-M   'C 1 2 1'
#
loop_
_entity.id
_entity.type
_entity.pdbx_description
1 polymer AlkD
2 polymer "DNA (5'-D(*AP*AP*GP*CP*CP*(DZM)P*CP*CP*C)-3')"
3 polymer "DNA (5'-D(*TP*GP*GP*GP*TP*GP*GP*CP*T)-3')"
4 water water
#
loop_
_entity_poly.entity_id
_entity_poly.type
_entity_poly.pdbx_seq_one_letter_code
_entity_poly.pdbx_strand_id
1 'polypeptide(L)'
;GPVPMHPFVKALQEHFTAHQNPEKAEPMARYMKNHFLFLGIQTPERRQLLKDIIQIHTLPDQKDFQIIIRELWDLPEREF
QAAALDIMQKYKKHINETHIPFLEELIVTKSWWDSVDSIVPTFLGDIFLKHPELISAYIPKWIASDNIWLQRAAILFQLK
YKQKMDEELLFWIIGQLHSSKEFFIQKAIGWVLREYAKTNPDVVWEYVQNNELAPLSKREAIKHIKQNYGINNEKIGETL
S
;
A
2 'polydeoxyribonucleotide' (DA)(DA)(DG)(DC)(DC)(DZM)(DC)(DC)(DC) B
3 'polydeoxyribonucleotide' (DT)(DG)(DG)(DG)(DT)(DG)(DG)(DC)(DT) C
#
loop_
_chem_comp.id
_chem_comp.type
_chem_comp.name
_chem_comp.formula
DA DNA linking 2'-DEOXYADENOSINE-5'-MONOPHOSPHATE 'C10 H14 N5 O6 P'
DC DNA linking 2'-DEOXYCYTIDINE-5'-MONOPHOSPHATE 'C9 H14 N3 O7 P'
DG DNA linking 2'-DEOXYGUANOSINE-5'-MONOPHOSPHATE 'C10 H14 N5 O7 P'
DT DNA linking THYMIDINE-5'-MONOPHOSPHATE 'C10 H15 N2 O8 P'
DZM DNA linking 3-deaza-3-methyladenine 'C12 H17 N4 O6 P'
#
# COMPACT_ATOMS: atom_id res chain seq x y z
N VAL A 3 -1.13 2.22 -25.89
CA VAL A 3 0.18 2.81 -26.16
C VAL A 3 0.32 4.15 -25.44
N PRO A 4 1.37 4.27 -24.60
CA PRO A 4 1.62 5.46 -23.78
C PRO A 4 1.93 6.71 -24.59
N MET A 5 1.35 7.84 -24.21
CA MET A 5 1.62 9.14 -24.82
C MET A 5 2.97 9.69 -24.42
N HIS A 6 3.32 9.52 -23.15
CA HIS A 6 4.45 10.22 -22.57
C HIS A 6 5.75 9.53 -22.93
N PRO A 7 6.74 10.30 -23.45
CA PRO A 7 7.99 9.71 -23.93
C PRO A 7 8.73 8.93 -22.87
N PHE A 8 8.61 9.35 -21.62
CA PHE A 8 9.27 8.67 -20.51
C PHE A 8 8.70 7.27 -20.33
N VAL A 9 7.38 7.17 -20.41
CA VAL A 9 6.72 5.87 -20.26
C VAL A 9 7.00 4.98 -21.49
N LYS A 10 7.00 5.58 -22.67
CA LYS A 10 7.35 4.84 -23.88
C LYS A 10 8.75 4.24 -23.73
N ALA A 11 9.69 5.05 -23.25
CA ALA A 11 11.06 4.59 -23.06
C ALA A 11 11.14 3.48 -22.00
N LEU A 12 10.44 3.66 -20.88
CA LEU A 12 10.44 2.63 -19.83
C LEU A 12 9.84 1.33 -20.36
N GLN A 13 8.75 1.42 -21.09
CA GLN A 13 8.12 0.24 -21.67
C GLN A 13 9.08 -0.53 -22.57
N GLU A 14 9.73 0.17 -23.48
CA GLU A 14 10.68 -0.48 -24.40
C GLU A 14 11.86 -1.10 -23.65
N HIS A 15 12.35 -0.39 -22.64
CA HIS A 15 13.54 -0.85 -21.92
C HIS A 15 13.22 -2.06 -21.03
N PHE A 16 12.09 -2.02 -20.33
CA PHE A 16 11.66 -3.18 -19.54
C PHE A 16 11.44 -4.38 -20.46
N THR A 17 10.73 -4.16 -21.56
CA THR A 17 10.39 -5.23 -22.48
C THR A 17 11.64 -5.88 -23.07
N ALA A 18 12.65 -5.07 -23.33
CA ALA A 18 13.91 -5.57 -23.87
C ALA A 18 14.66 -6.46 -22.89
N HIS A 19 14.30 -6.38 -21.61
CA HIS A 19 14.96 -7.17 -20.57
C HIS A 19 14.03 -8.13 -19.84
N GLN A 20 12.96 -8.54 -20.52
CA GLN A 20 12.02 -9.46 -19.89
C GLN A 20 12.64 -10.84 -19.76
N ASN A 21 12.14 -11.62 -18.81
CA ASN A 21 12.61 -12.99 -18.57
C ASN A 21 11.41 -13.91 -18.40
N PRO A 22 10.98 -14.57 -19.49
CA PRO A 22 9.78 -15.41 -19.47
C PRO A 22 9.85 -16.52 -18.43
N GLU A 23 11.05 -17.01 -18.14
CA GLU A 23 11.21 -18.07 -17.16
C GLU A 23 10.83 -17.59 -15.76
N LYS A 24 11.12 -16.33 -15.46
CA LYS A 24 10.79 -15.76 -14.16
C LYS A 24 9.35 -15.29 -14.10
N ALA A 25 8.79 -14.94 -15.26
CA ALA A 25 7.44 -14.38 -15.33
C ALA A 25 6.38 -15.34 -14.76
N GLU A 26 6.51 -16.63 -15.06
CA GLU A 26 5.50 -17.59 -14.63
C GLU A 26 5.41 -17.69 -13.09
N PRO A 27 6.54 -17.94 -12.39
CA PRO A 27 6.39 -18.00 -10.92
C PRO A 27 5.99 -16.67 -10.30
N MET A 28 6.45 -15.56 -10.86
CA MET A 28 6.07 -14.24 -10.34
C MET A 28 4.57 -14.03 -10.49
N ALA A 29 4.02 -14.47 -11.61
CA ALA A 29 2.59 -14.30 -11.86
C ALA A 29 1.76 -15.15 -10.90
N ARG A 30 2.18 -16.39 -10.65
CA ARG A 30 1.38 -17.25 -9.78
C ARG A 30 1.49 -16.80 -8.33
N TYR A 31 2.60 -16.14 -7.99
CA TYR A 31 2.75 -15.59 -6.63
C TYR A 31 1.64 -14.60 -6.33
N MET A 32 1.20 -13.92 -7.37
CA MET A 32 0.15 -12.92 -7.24
C MET A 32 -1.19 -13.48 -7.73
N LYS A 33 -1.31 -14.80 -7.64
CA LYS A 33 -2.55 -15.53 -7.92
C LYS A 33 -3.05 -15.24 -9.33
N ASN A 34 -2.09 -15.02 -10.23
CA ASN A 34 -2.36 -14.84 -11.65
C ASN A 34 -3.35 -13.73 -11.96
N HIS A 35 -3.35 -12.69 -11.12
CA HIS A 35 -4.15 -11.52 -11.38
C HIS A 35 -3.52 -10.63 -12.44
N PHE A 36 -2.20 -10.77 -12.61
CA PHE A 36 -1.44 -9.91 -13.52
C PHE A 36 -0.47 -10.68 -14.39
N LEU A 37 -0.26 -10.16 -15.60
CA LEU A 37 0.87 -10.57 -16.42
C LEU A 37 2.14 -10.01 -15.79
N PHE A 38 3.25 -10.73 -15.96
CA PHE A 38 4.55 -10.22 -15.54
C PHE A 38 5.52 -10.30 -16.71
N LEU A 39 6.46 -9.35 -16.76
CA LEU A 39 7.58 -9.44 -17.69
C LEU A 39 8.64 -10.40 -17.17
N GLY A 40 8.72 -10.50 -15.85
CA GLY A 40 9.68 -11.37 -15.19
C GLY A 40 10.91 -10.64 -14.70
N ILE A 41 10.73 -9.43 -14.20
CA ILE A 41 11.83 -8.60 -13.73
C ILE A 41 11.67 -8.31 -12.22
N GLN A 42 12.60 -8.80 -11.40
CA GLN A 42 12.48 -8.59 -9.96
C GLN A 42 13.01 -7.23 -9.56
N THR A 43 12.82 -6.86 -8.29
CA THR A 43 13.01 -5.49 -7.86
C THR A 43 14.40 -4.91 -8.11
N PRO A 44 15.50 -5.64 -7.78
CA PRO A 44 16.81 -5.04 -8.05
C PRO A 44 17.00 -4.68 -9.52
N GLU A 45 16.72 -5.61 -10.43
CA GLU A 45 16.88 -5.32 -11.86
C GLU A 45 15.90 -4.24 -12.32
N ARG A 46 14.68 -4.28 -11.79
CA ARG A 46 13.67 -3.30 -12.17
C ARG A 46 14.10 -1.89 -11.79
N ARG A 47 14.70 -1.74 -10.62
CA ARG A 47 15.16 -0.43 -10.19
C ARG A 47 16.35 0.03 -11.01
N GLN A 48 17.19 -0.90 -11.41
CA GLN A 48 18.33 -0.53 -12.25
C GLN A 48 17.83 -0.07 -13.62
N LEU A 49 16.84 -0.76 -14.18
CA LEU A 49 16.31 -0.37 -15.48
C LEU A 49 15.63 1.00 -15.41
N LEU A 50 14.96 1.28 -14.30
CA LEU A 50 14.34 2.58 -14.11
C LEU A 50 15.42 3.66 -14.03
N LYS A 51 16.47 3.38 -13.25
CA LYS A 51 17.60 4.27 -13.11
C LYS A 51 18.23 4.59 -14.48
N ASP A 52 18.27 3.59 -15.37
CA ASP A 52 18.79 3.79 -16.73
C ASP A 52 18.04 4.89 -17.45
N ILE A 53 16.71 4.84 -17.37
CA ILE A 53 15.86 5.76 -18.12
C ILE A 53 15.90 7.17 -17.52
N ILE A 54 15.91 7.26 -16.19
CA ILE A 54 15.99 8.55 -15.52
C ILE A 54 17.30 9.25 -15.88
N GLN A 55 18.36 8.48 -15.94
CA GLN A 55 19.63 8.97 -16.47
C GLN A 55 19.47 9.40 -17.93
N LEU A 59 14.77 13.61 -14.71
CA LEU A 59 13.46 13.34 -14.11
C LEU A 59 12.41 14.30 -14.65
N PRO A 60 11.29 13.76 -15.15
CA PRO A 60 10.26 14.60 -15.78
C PRO A 60 9.69 15.66 -14.85
N ASP A 61 9.24 16.76 -15.45
CA ASP A 61 8.61 17.86 -14.72
C ASP A 61 7.50 17.33 -13.83
N GLN A 62 7.30 17.98 -12.69
CA GLN A 62 6.35 17.52 -11.71
C GLN A 62 4.92 17.60 -12.25
N LYS A 63 4.69 18.47 -13.23
CA LYS A 63 3.35 18.61 -13.81
C LYS A 63 2.99 17.36 -14.61
N ASP A 64 3.98 16.49 -14.83
CA ASP A 64 3.79 15.27 -15.60
C ASP A 64 3.60 14.04 -14.74
N PHE A 65 3.80 14.18 -13.42
CA PHE A 65 3.97 12.97 -12.60
C PHE A 65 2.67 12.15 -12.55
N GLN A 66 1.52 12.78 -12.48
CA GLN A 66 0.28 12.01 -12.47
C GLN A 66 -0.01 11.36 -13.82
N ILE A 67 0.31 12.07 -14.91
CA ILE A 67 0.20 11.51 -16.25
C ILE A 67 1.06 10.24 -16.38
N ILE A 68 2.30 10.33 -15.93
CA ILE A 68 3.24 9.21 -16.05
C ILE A 68 2.76 8.01 -15.22
N ILE A 69 2.37 8.26 -13.98
CA ILE A 69 1.95 7.18 -13.10
C ILE A 69 0.73 6.47 -13.68
N ARG A 70 -0.25 7.24 -14.17
CA ARG A 70 -1.47 6.62 -14.67
C ARG A 70 -1.22 5.83 -15.95
N GLU A 71 -0.36 6.36 -16.84
CA GLU A 71 0.00 5.62 -18.03
C GLU A 71 0.65 4.27 -17.67
N LEU A 72 1.52 4.28 -16.66
CA LEU A 72 2.15 3.05 -16.23
C LEU A 72 1.13 2.12 -15.61
N TRP A 73 0.18 2.69 -14.87
CA TRP A 73 -0.86 1.89 -14.24
C TRP A 73 -1.71 1.18 -15.29
N ASP A 74 -1.79 1.77 -16.47
CA ASP A 74 -2.66 1.30 -17.54
C ASP A 74 -2.01 0.17 -18.34
N LEU A 75 -0.71 -0.06 -18.11
CA LEU A 75 0.00 -1.10 -18.86
C LEU A 75 -0.23 -2.47 -18.22
N PRO A 76 -0.20 -3.52 -19.04
CA PRO A 76 -0.65 -4.83 -18.55
C PRO A 76 0.28 -5.47 -17.52
N GLU A 77 1.58 -5.35 -17.71
CA GLU A 77 2.51 -6.11 -16.86
C GLU A 77 2.73 -5.42 -15.52
N ARG A 78 2.82 -6.22 -14.46
CA ARG A 78 2.79 -5.70 -13.10
C ARG A 78 4.02 -4.86 -12.78
N GLU A 79 5.15 -5.15 -13.44
CA GLU A 79 6.36 -4.40 -13.16
C GLU A 79 6.18 -2.91 -13.43
N PHE A 80 5.27 -2.55 -14.33
CA PHE A 80 5.06 -1.13 -14.61
C PHE A 80 4.34 -0.41 -13.47
N GLN A 81 3.48 -1.11 -12.73
CA GLN A 81 2.87 -0.51 -11.55
C GLN A 81 3.92 -0.40 -10.45
N ALA A 82 4.76 -1.42 -10.33
CA ALA A 82 5.81 -1.37 -9.31
C ALA A 82 6.77 -0.24 -9.63
N ALA A 83 7.09 -0.05 -10.90
CA ALA A 83 7.98 1.04 -11.30
C ALA A 83 7.30 2.39 -11.07
N ALA A 84 5.99 2.45 -11.33
CA ALA A 84 5.23 3.67 -11.09
C ALA A 84 5.34 4.11 -9.64
N LEU A 85 5.26 3.15 -8.71
CA LEU A 85 5.40 3.49 -7.30
C LEU A 85 6.83 3.93 -6.96
N ASP A 86 7.84 3.33 -7.60
CA ASP A 86 9.20 3.82 -7.42
C ASP A 86 9.35 5.25 -7.91
N ILE A 87 8.65 5.58 -8.99
CA ILE A 87 8.69 6.92 -9.54
C ILE A 87 8.00 7.91 -8.62
N MET A 88 6.85 7.49 -8.08
CA MET A 88 6.10 8.37 -7.19
C MET A 88 6.93 8.74 -5.96
N GLN A 89 7.81 7.84 -5.52
CA GLN A 89 8.71 8.14 -4.40
C GLN A 89 9.57 9.37 -4.70
N LYS A 90 9.92 9.54 -5.97
CA LYS A 90 10.83 10.61 -6.35
C LYS A 90 10.13 11.96 -6.40
N TYR A 91 8.81 11.95 -6.27
CA TYR A 91 8.04 13.19 -6.25
C TYR A 91 7.42 13.45 -4.89
N LYS A 92 7.88 12.70 -3.89
CA LYS A 92 7.40 12.76 -2.51
C LYS A 92 7.08 14.18 -2.01
N LYS A 93 8.00 15.10 -2.28
CA LYS A 93 7.88 16.46 -1.74
C LYS A 93 6.77 17.26 -2.40
N HIS A 94 6.28 16.78 -3.54
CA HIS A 94 5.23 17.48 -4.28
C HIS A 94 3.87 16.82 -4.11
N ILE A 95 3.81 15.77 -3.29
CA ILE A 95 2.55 15.07 -3.04
C ILE A 95 1.93 15.59 -1.76
N ASN A 96 0.66 15.97 -1.83
CA ASN A 96 -0.02 16.55 -0.69
C ASN A 96 -1.47 16.12 -0.65
N GLU A 97 -2.28 16.83 0.14
CA GLU A 97 -3.66 16.41 0.34
C GLU A 97 -4.50 16.46 -0.94
N THR A 98 -4.10 17.30 -1.90
CA THR A 98 -4.85 17.39 -3.15
C THR A 98 -4.71 16.10 -3.97
N HIS A 99 -3.74 15.27 -3.61
CA HIS A 99 -3.51 14.03 -4.33
C HIS A 99 -4.20 12.82 -3.72
N ILE A 100 -4.94 13.00 -2.63
CA ILE A 100 -5.60 11.82 -2.04
C ILE A 100 -6.55 11.13 -3.04
N PRO A 101 -7.38 11.89 -3.78
CA PRO A 101 -8.26 11.16 -4.71
C PRO A 101 -7.49 10.41 -5.78
N PHE A 102 -6.37 10.96 -6.23
CA PHE A 102 -5.50 10.26 -7.17
C PHE A 102 -4.98 8.96 -6.56
N LEU A 103 -4.52 9.02 -5.32
CA LEU A 103 -4.05 7.82 -4.64
C LEU A 103 -5.18 6.81 -4.41
N GLU A 104 -6.38 7.29 -4.12
CA GLU A 104 -7.55 6.40 -4.05
C GLU A 104 -7.72 5.60 -5.34
N GLU A 105 -7.65 6.28 -6.49
CA GLU A 105 -7.80 5.62 -7.78
C GLU A 105 -6.75 4.52 -7.94
N LEU A 106 -5.53 4.79 -7.50
CA LEU A 106 -4.47 3.80 -7.65
C LEU A 106 -4.78 2.59 -6.79
N ILE A 107 -5.35 2.84 -5.61
CA ILE A 107 -5.63 1.76 -4.69
C ILE A 107 -6.70 0.82 -5.25
N VAL A 108 -7.70 1.37 -5.92
CA VAL A 108 -8.85 0.56 -6.34
C VAL A 108 -8.72 0.10 -7.80
N THR A 109 -7.61 0.45 -8.44
CA THR A 109 -7.38 0.05 -9.82
C THR A 109 -6.19 -0.93 -9.87
N LYS A 110 -6.38 -2.09 -10.48
CA LYS A 110 -5.37 -3.15 -10.46
C LYS A 110 -4.90 -3.44 -9.06
N SER A 111 -5.88 -3.57 -8.16
CA SER A 111 -5.61 -3.73 -6.74
C SER A 111 -5.00 -5.06 -6.37
N TRP A 112 -3.98 -5.01 -5.53
CA TRP A 112 -3.50 -6.20 -4.83
C TRP A 112 -2.60 -5.74 -3.70
N TRP A 113 -2.09 -6.67 -2.90
CA TRP A 113 -1.40 -6.27 -1.68
C TRP A 113 -0.09 -5.57 -1.99
N ASP A 114 0.50 -5.88 -3.14
CA ASP A 114 1.81 -5.30 -3.42
C ASP A 114 1.71 -3.81 -3.71
N SER A 115 0.71 -3.39 -4.50
CA SER A 115 0.55 -1.97 -4.76
C SER A 115 0.00 -1.26 -3.52
N VAL A 116 -1.02 -1.83 -2.91
CA VAL A 116 -1.69 -1.15 -1.80
C VAL A 116 -0.78 -0.97 -0.59
N ASP A 117 0.00 -1.99 -0.25
CA ASP A 117 0.90 -1.88 0.90
C ASP A 117 2.04 -0.89 0.60
N SER A 118 2.31 -0.63 -0.68
CA SER A 118 3.34 0.35 -1.03
C SER A 118 2.79 1.78 -1.04
N ILE A 119 1.50 1.91 -1.32
CA ILE A 119 0.86 3.23 -1.40
C ILE A 119 0.49 3.76 -0.03
N VAL A 120 0.02 2.87 0.83
CA VAL A 120 -0.74 3.32 1.99
C VAL A 120 0.12 3.81 3.18
N PRO A 121 1.02 2.96 3.74
CA PRO A 121 1.70 3.48 4.95
C PRO A 121 2.69 4.61 4.68
N THR A 122 3.15 4.72 3.43
CA THR A 122 4.10 5.76 3.07
C THR A 122 3.40 7.03 2.61
N PHE A 123 2.71 6.97 1.48
CA PHE A 123 2.16 8.19 0.89
C PHE A 123 0.93 8.70 1.63
N LEU A 124 -0.03 7.83 1.90
CA LEU A 124 -1.21 8.28 2.65
C LEU A 124 -0.84 8.53 4.09
N GLY A 125 0.04 7.70 4.65
CA GLY A 125 0.51 7.89 6.00
C GLY A 125 1.09 9.29 6.19
N ASP A 126 1.91 9.72 5.24
CA ASP A 126 2.57 11.01 5.34
C ASP A 126 1.58 12.16 5.19
N ILE A 127 0.64 12.01 4.26
CA ILE A 127 -0.35 13.05 4.01
C ILE A 127 -1.22 13.28 5.24
N PHE A 128 -1.68 12.19 5.85
CA PHE A 128 -2.59 12.34 6.99
C PHE A 128 -1.86 12.76 8.27
N LEU A 129 -0.53 12.62 8.31
CA LEU A 129 0.20 13.18 9.45
C LEU A 129 0.18 14.70 9.38
N LYS A 130 0.21 15.22 8.17
CA LYS A 130 0.22 16.66 7.97
C LYS A 130 -1.21 17.21 7.99
N HIS A 131 -2.18 16.36 7.65
CA HIS A 131 -3.57 16.80 7.54
C HIS A 131 -4.51 15.86 8.27
N PRO A 132 -4.36 15.74 9.59
CA PRO A 132 -5.20 14.78 10.31
C PRO A 132 -6.66 15.23 10.38
N GLU A 133 -6.91 16.51 10.14
CA GLU A 133 -8.28 17.02 10.08
C GLU A 133 -9.04 16.53 8.84
N LEU A 134 -8.33 15.86 7.93
CA LEU A 134 -8.98 15.31 6.74
C LEU A 134 -9.31 13.83 6.86
N ILE A 135 -8.84 13.20 7.93
CA ILE A 135 -9.06 11.76 8.08
C ILE A 135 -10.55 11.39 8.08
N SER A 136 -11.38 12.20 8.73
CA SER A 136 -12.80 11.83 8.83
C SER A 136 -13.52 11.96 7.48
N ALA A 137 -12.90 12.63 6.52
CA ALA A 137 -13.49 12.73 5.17
C ALA A 137 -13.16 11.52 4.29
N TYR A 138 -12.24 10.67 4.76
CA TYR A 138 -11.80 9.53 3.95
C TYR A 138 -11.96 8.19 4.66
N ILE A 139 -11.49 8.11 5.90
CA ILE A 139 -11.41 6.81 6.57
C ILE A 139 -12.81 6.19 6.74
N PRO A 140 -13.80 6.95 7.25
CA PRO A 140 -15.11 6.31 7.36
C PRO A 140 -15.68 5.88 5.99
N LYS A 141 -15.46 6.70 4.97
CA LYS A 141 -15.88 6.37 3.61
C LYS A 141 -15.24 5.06 3.14
N TRP A 142 -13.94 4.91 3.40
CA TRP A 142 -13.23 3.70 2.98
C TRP A 142 -13.76 2.48 3.71
N ILE A 143 -14.02 2.64 5.00
CA ILE A 143 -14.57 1.53 5.78
C ILE A 143 -15.91 1.10 5.21
N ALA A 144 -16.76 2.07 4.86
CA ALA A 144 -18.11 1.77 4.39
C ALA A 144 -18.18 1.27 2.95
N SER A 145 -17.07 1.34 2.24
CA SER A 145 -17.04 1.04 0.80
C SER A 145 -17.17 -0.45 0.46
N ASP A 146 -16.91 -1.32 1.43
CA ASP A 146 -16.82 -2.76 1.17
C ASP A 146 -15.79 -3.09 0.05
N ASN A 147 -14.87 -2.17 -0.19
CA ASN A 147 -13.72 -2.47 -1.02
C ASN A 147 -12.58 -2.85 -0.08
N ILE A 148 -12.06 -4.07 -0.20
CA ILE A 148 -11.16 -4.55 0.84
C ILE A 148 -9.84 -3.79 0.82
N TRP A 149 -9.48 -3.22 -0.33
CA TRP A 149 -8.21 -2.51 -0.38
C TRP A 149 -8.31 -1.12 0.23
N LEU A 150 -9.46 -0.46 0.08
CA LEU A 150 -9.68 0.79 0.81
C LEU A 150 -9.80 0.51 2.30
N GLN A 151 -10.38 -0.65 2.64
CA GLN A 151 -10.48 -1.00 4.05
C GLN A 151 -9.09 -1.29 4.63
N ARG A 152 -8.26 -2.00 3.87
CA ARG A 152 -6.90 -2.25 4.30
C ARG A 152 -6.14 -0.91 4.40
N ALA A 153 -6.47 0.03 3.52
CA ALA A 153 -5.86 1.36 3.58
C ALA A 153 -6.20 2.07 4.88
N ALA A 154 -7.46 1.97 5.30
CA ALA A 154 -7.88 2.61 6.55
C ALA A 154 -7.11 2.03 7.74
N ILE A 155 -6.85 0.73 7.67
CA ILE A 155 -6.17 0.05 8.77
C ILE A 155 -4.69 0.39 8.78
N LEU A 156 -4.06 0.42 7.61
CA LEU A 156 -2.61 0.47 7.55
C LEU A 156 -2.01 1.86 7.35
N PHE A 157 -2.79 2.93 7.18
CA PHE A 157 -2.13 4.20 6.88
C PHE A 157 -1.29 4.66 8.07
N GLN A 158 -1.63 4.18 9.26
CA GLN A 158 -0.86 4.53 10.46
C GLN A 158 0.21 3.51 10.83
N LEU A 159 0.43 2.52 9.97
CA LEU A 159 1.34 1.42 10.32
C LEU A 159 2.71 1.85 10.84
N LYS A 160 3.28 2.89 10.24
CA LYS A 160 4.63 3.30 10.57
C LYS A 160 4.71 4.44 11.59
N TYR A 161 3.58 4.79 12.20
CA TYR A 161 3.51 6.00 13.04
C TYR A 161 4.26 5.90 14.37
N LYS A 162 4.35 4.68 14.91
CA LYS A 162 4.99 4.46 16.21
C LYS A 162 4.40 5.42 17.25
N GLN A 163 5.22 6.28 17.85
CA GLN A 163 4.71 7.15 18.92
C GLN A 163 3.68 8.18 18.43
N LYS A 164 3.52 8.30 17.11
CA LYS A 164 2.58 9.25 16.54
C LYS A 164 1.19 8.66 16.41
N MET A 165 1.08 7.35 16.63
CA MET A 165 -0.18 6.65 16.47
C MET A 165 -1.31 7.33 17.21
N ASP A 166 -2.44 7.52 16.51
CA ASP A 166 -3.69 7.93 17.13
C ASP A 166 -4.38 6.64 17.57
N GLU A 167 -4.14 6.28 18.82
CA GLU A 167 -4.56 5.00 19.38
C GLU A 167 -6.07 4.83 19.30
N GLU A 168 -6.81 5.85 19.73
CA GLU A 168 -8.26 5.72 19.74
C GLU A 168 -8.83 5.61 18.34
N LEU A 169 -8.20 6.30 17.38
CA LEU A 169 -8.65 6.19 16.00
C LEU A 169 -8.35 4.78 15.48
N LEU A 170 -7.15 4.28 15.75
CA LEU A 170 -6.77 2.92 15.33
C LEU A 170 -7.77 1.91 15.86
N PHE A 171 -8.08 2.00 17.14
CA PHE A 171 -8.96 1.03 17.75
C PHE A 171 -10.38 1.14 17.22
N TRP A 172 -10.82 2.37 16.91
CA TRP A 172 -12.14 2.54 16.28
C TRP A 172 -12.19 1.90 14.89
N ILE A 173 -11.17 2.14 14.08
CA ILE A 173 -11.12 1.55 12.75
C ILE A 173 -11.17 0.04 12.85
N ILE A 174 -10.36 -0.50 13.75
CA ILE A 174 -10.29 -1.95 13.91
C ILE A 174 -11.64 -2.51 14.36
N GLY A 175 -12.28 -1.84 15.30
CA GLY A 175 -13.60 -2.29 15.73
C GLY A 175 -14.61 -2.30 14.59
N GLN A 176 -14.49 -1.34 13.68
CA GLN A 176 -15.42 -1.28 12.55
C GLN A 176 -15.20 -2.43 11.59
N LEU A 177 -13.96 -2.90 11.49
CA LEU A 177 -13.61 -3.91 10.51
C LEU A 177 -13.37 -5.31 11.09
N HIS A 178 -13.51 -5.48 12.41
CA HIS A 178 -13.06 -6.74 13.01
C HIS A 178 -13.92 -7.93 12.59
N SER A 179 -15.14 -7.67 12.14
CA SER A 179 -16.04 -8.75 11.73
C SER A 179 -15.90 -9.11 10.26
N SER A 180 -14.93 -8.53 9.58
CA SER A 180 -14.70 -8.90 8.18
C SER A 180 -14.23 -10.35 8.06
N LYS A 181 -14.84 -11.08 7.13
CA LYS A 181 -14.43 -12.45 6.81
C LYS A 181 -13.12 -12.48 6.00
N GLU A 182 -12.70 -11.33 5.49
CA GLU A 182 -11.63 -11.28 4.49
C GLU A 182 -10.23 -11.46 5.08
N PHE A 183 -9.46 -12.40 4.52
CA PHE A 183 -8.12 -12.64 5.03
C PHE A 183 -7.29 -11.35 5.05
N PHE A 184 -7.34 -10.56 3.98
CA PHE A 184 -6.43 -9.42 3.92
C PHE A 184 -6.81 -8.36 4.96
N ILE A 185 -8.06 -8.39 5.42
CA ILE A 185 -8.50 -7.46 6.48
C ILE A 185 -8.14 -8.02 7.85
N GLN A 186 -8.47 -9.28 8.12
CA GLN A 186 -8.09 -9.89 9.38
C GLN A 186 -6.58 -9.80 9.62
N LYS A 187 -5.82 -10.06 8.58
CA LYS A 187 -4.36 -10.03 8.69
C LYS A 187 -3.84 -8.61 8.89
N ALA A 188 -4.39 -7.65 8.17
CA ALA A 188 -3.96 -6.24 8.34
C ALA A 188 -4.20 -5.77 9.77
N ILE A 189 -5.32 -6.19 10.37
CA ILE A 189 -5.59 -5.84 11.77
C ILE A 189 -4.53 -6.43 12.68
N GLY A 190 -4.21 -7.70 12.49
CA GLY A 190 -3.18 -8.34 13.30
C GLY A 190 -1.84 -7.67 13.12
N TRP A 191 -1.51 -7.35 11.87
CA TRP A 191 -0.24 -6.69 11.55
C TRP A 191 -0.10 -5.33 12.25
N VAL A 192 -1.10 -4.47 12.10
CA VAL A 192 -0.96 -3.11 12.65
C VAL A 192 -0.94 -3.15 14.18
N LEU A 193 -1.71 -4.05 14.79
CA LEU A 193 -1.66 -4.17 16.24
C LEU A 193 -0.31 -4.70 16.70
N ARG A 194 0.24 -5.69 16.00
CA ARG A 194 1.55 -6.21 16.37
C ARG A 194 2.61 -5.13 16.25
N GLU A 195 2.54 -4.35 15.16
CA GLU A 195 3.52 -3.30 14.92
C GLU A 195 3.39 -2.20 15.98
N TYR A 196 2.16 -1.81 16.27
CA TYR A 196 1.97 -0.78 17.31
C TYR A 196 2.40 -1.29 18.69
N ALA A 197 2.27 -2.59 18.93
CA ALA A 197 2.68 -3.15 20.20
C ALA A 197 4.18 -2.99 20.45
N LYS A 198 4.96 -2.77 19.38
CA LYS A 198 6.39 -2.51 19.56
C LYS A 198 6.60 -1.17 20.28
N THR A 199 5.63 -0.28 20.16
CA THR A 199 5.68 1.05 20.76
C THR A 199 4.90 1.13 22.06
N ASN A 200 3.69 0.60 22.04
CA ASN A 200 2.76 0.76 23.16
C ASN A 200 2.12 -0.58 23.49
N PRO A 201 2.93 -1.52 24.01
CA PRO A 201 2.43 -2.89 24.16
C PRO A 201 1.31 -3.02 25.18
N ASP A 202 1.33 -2.24 26.26
CA ASP A 202 0.29 -2.41 27.28
C ASP A 202 -1.10 -2.15 26.72
N VAL A 203 -1.17 -1.16 25.84
CA VAL A 203 -2.43 -0.69 25.31
C VAL A 203 -2.99 -1.66 24.26
N VAL A 204 -2.10 -2.27 23.49
CA VAL A 204 -2.52 -3.28 22.53
C VAL A 204 -3.01 -4.53 23.30
N TRP A 205 -2.29 -4.92 24.34
CA TRP A 205 -2.74 -6.04 25.18
C TRP A 205 -4.11 -5.80 25.77
N GLU A 206 -4.32 -4.60 26.33
CA GLU A 206 -5.62 -4.28 26.92
C GLU A 206 -6.71 -4.31 25.85
N TYR A 207 -6.38 -3.84 24.65
CA TYR A 207 -7.39 -3.81 23.61
C TYR A 207 -7.80 -5.23 23.23
N VAL A 208 -6.80 -6.06 22.98
CA VAL A 208 -7.06 -7.43 22.53
C VAL A 208 -7.76 -8.25 23.61
N GLN A 209 -7.51 -7.94 24.87
CA GLN A 209 -8.14 -8.71 25.94
C GLN A 209 -9.58 -8.26 26.19
N ASN A 210 -9.97 -7.10 25.67
CA ASN A 210 -11.28 -6.57 25.99
C ASN A 210 -12.19 -6.25 24.81
N ASN A 211 -11.74 -6.61 23.60
CA ASN A 211 -12.49 -6.31 22.40
C ASN A 211 -12.42 -7.46 21.43
N GLU A 212 -13.53 -7.75 20.78
CA GLU A 212 -13.59 -8.92 19.91
C GLU A 212 -12.72 -8.76 18.68
N LEU A 213 -12.01 -9.82 18.34
CA LEU A 213 -11.19 -9.88 17.12
C LEU A 213 -11.32 -11.28 16.52
N ALA A 214 -11.15 -11.38 15.21
CA ALA A 214 -11.03 -12.71 14.61
C ALA A 214 -9.80 -13.37 15.22
N PRO A 215 -9.82 -14.71 15.36
CA PRO A 215 -8.68 -15.41 15.98
C PRO A 215 -7.37 -15.15 15.23
N LEU A 216 -7.40 -15.10 13.89
CA LEU A 216 -6.19 -14.75 13.15
C LEU A 216 -5.65 -13.40 13.61
N SER A 217 -6.52 -12.42 13.76
CA SER A 217 -6.09 -11.06 14.10
C SER A 217 -5.52 -11.05 15.52
N LYS A 218 -6.20 -11.71 16.45
CA LYS A 218 -5.71 -11.71 17.84
C LYS A 218 -4.36 -12.43 17.94
N ARG A 219 -4.23 -13.59 17.30
CA ARG A 219 -2.99 -14.33 17.38
C ARG A 219 -1.83 -13.49 16.82
N GLU A 220 -2.05 -12.87 15.67
CA GLU A 220 -0.97 -12.10 15.02
C GLU A 220 -0.60 -10.89 15.88
N ALA A 221 -1.60 -10.28 16.50
CA ALA A 221 -1.41 -9.08 17.32
C ALA A 221 -0.45 -9.33 18.48
N ILE A 222 -0.63 -10.45 19.16
CA ILE A 222 0.08 -10.66 20.42
C ILE A 222 1.25 -11.62 20.36
N LYS A 223 1.65 -12.05 19.16
CA LYS A 223 2.58 -13.16 19.12
C LYS A 223 3.96 -12.82 19.66
N HIS A 224 4.29 -11.54 19.78
CA HIS A 224 5.58 -11.17 20.37
C HIS A 224 5.50 -10.46 21.72
N ILE A 225 4.29 -10.29 22.26
CA ILE A 225 4.16 -9.69 23.59
C ILE A 225 3.46 -10.61 24.60
N LYS A 226 2.85 -11.69 24.11
CA LYS A 226 2.08 -12.56 24.99
C LYS A 226 2.92 -13.16 26.13
N GLN A 227 4.23 -13.24 25.94
CA GLN A 227 5.08 -13.83 26.97
C GLN A 227 5.33 -12.89 28.13
N ASN A 228 4.82 -11.66 28.03
CA ASN A 228 5.06 -10.64 29.04
C ASN A 228 3.90 -10.45 30.02
N TYR A 229 2.81 -11.18 29.81
CA TYR A 229 1.62 -11.03 30.63
C TYR A 229 1.12 -12.36 31.16
P DZM B 6 3.35 -10.10 8.65
N1 DZM B 6 7.68 -12.23 1.91
C2 DZM B 6 7.06 -11.27 1.25
C3 DZM B 6 6.19 -10.41 1.86
C4 DZM B 6 5.95 -10.55 3.23
C5 DZM B 6 6.63 -11.57 3.93
C6 DZM B 6 7.49 -12.41 3.21
N6 DZM B 6 8.17 -13.42 3.87
N7 DZM B 6 6.24 -11.53 5.22
C8 DZM B 6 5.36 -10.49 5.37
N9 DZM B 6 5.17 -9.89 4.17
C1' DZM B 6 4.31 -8.72 3.95
OP2 DZM B 6 3.44 -11.55 8.91
C2' DZM B 6 2.97 -9.10 3.28
OP1 DZM B 6 2.64 -9.34 9.70
C3' DZM B 6 2.10 -9.36 4.51
O3' DZM B 6 0.74 -9.14 4.17
C3M DZM B 6 5.53 -9.33 1.04
C4' DZM B 6 2.59 -8.22 5.44
O4' DZM B 6 4.02 -8.16 5.25
C5' DZM B 6 2.29 -8.52 6.91
O5' DZM B 6 2.65 -9.85 7.23
#